data_4P0B
#
_entry.id   4P0B
#
_cell.length_a   48.162
_cell.length_b   48.162
_cell.length_c   267.713
_cell.angle_alpha   90.000
_cell.angle_beta   90.000
_cell.angle_gamma   120.000
#
_symmetry.space_group_name_H-M   'P 61'
#
loop_
_entity.id
_entity.type
_entity.pdbx_description
1 polymer 'E3 ubiquitin-protein ligase RNF31'
2 polymer 'Ubiquitin thioesterase otulin'
3 water water
#
loop_
_entity_poly.entity_id
_entity_poly.type
_entity_poly.pdbx_seq_one_letter_code
_entity_poly.pdbx_strand_id
1 'polypeptide(L)'
;GPLGSMPGEEEERAFLVAREELASALRRDSGQAFSLEQLRPLLASSLPLAARYLQLDAARLVRCNAHGEPRNYLNTLSTA
LNILEKYGRNLLSPQRPRYWRGVKFNNPVFRSTVDAVQGGRDVLRLYGYTEEQPDGLSFPEGQEEPDEHQVATVTLEVLL
LRTELSLLLQNTHPRQQALEQLLE
;
A,C
2 'polypeptide(L)' EEDMYRAADE B,D
#
# COMPACT_ATOMS: atom_id res chain seq x y z
N GLU A 10 -16.69 -10.77 1.01
CA GLU A 10 -17.29 -11.62 -0.01
C GLU A 10 -17.08 -11.06 -1.42
N GLU A 11 -17.78 -9.97 -1.74
CA GLU A 11 -17.69 -9.40 -3.07
C GLU A 11 -16.67 -8.26 -3.12
N GLU A 12 -16.32 -7.74 -1.96
CA GLU A 12 -15.30 -6.70 -1.88
C GLU A 12 -13.93 -7.31 -2.22
N ARG A 13 -13.78 -8.60 -1.92
CA ARG A 13 -12.53 -9.30 -2.16
C ARG A 13 -12.23 -9.42 -3.66
N ALA A 14 -13.28 -9.71 -4.43
CA ALA A 14 -13.14 -9.82 -5.89
C ALA A 14 -12.61 -8.52 -6.50
N PHE A 15 -13.03 -7.39 -5.92
CA PHE A 15 -12.55 -6.09 -6.34
C PHE A 15 -11.06 -5.90 -6.01
N LEU A 16 -10.71 -6.19 -4.77
CA LEU A 16 -9.35 -6.04 -4.27
C LEU A 16 -8.33 -6.90 -5.02
N VAL A 17 -8.75 -8.10 -5.40
CA VAL A 17 -7.90 -8.99 -6.18
C VAL A 17 -7.51 -8.34 -7.51
N ALA A 18 -8.51 -7.85 -8.24
CA ALA A 18 -8.26 -7.18 -9.51
C ALA A 18 -7.47 -5.90 -9.28
N ARG A 19 -7.82 -5.17 -8.23
CA ARG A 19 -7.13 -3.95 -7.84
C ARG A 19 -5.63 -4.21 -7.63
N GLU A 20 -5.33 -5.31 -6.96
CA GLU A 20 -3.94 -5.70 -6.69
C GLU A 20 -3.23 -6.26 -7.93
N GLU A 21 -3.97 -6.99 -8.76
CA GLU A 21 -3.39 -7.60 -9.96
C GLU A 21 -2.94 -6.53 -10.97
N LEU A 22 -3.65 -5.41 -11.00
CA LEU A 22 -3.30 -4.31 -11.90
C LEU A 22 -2.23 -3.43 -11.26
N ALA A 23 -2.22 -3.37 -9.94
CA ALA A 23 -1.19 -2.65 -9.21
C ALA A 23 0.15 -3.34 -9.44
N SER A 24 0.13 -4.67 -9.45
CA SER A 24 1.32 -5.46 -9.72
C SER A 24 1.81 -5.22 -11.15
N ALA A 25 0.87 -5.10 -12.07
CA ALA A 25 1.17 -4.82 -13.47
C ALA A 25 1.93 -3.51 -13.63
N LEU A 26 1.54 -2.51 -12.85
CA LEU A 26 2.19 -1.20 -12.89
C LEU A 26 3.62 -1.25 -12.34
N ARG A 27 3.85 -2.13 -11.37
CA ARG A 27 5.18 -2.27 -10.78
C ARG A 27 6.15 -2.95 -11.72
N ARG A 28 5.63 -3.86 -12.55
CA ARG A 28 6.44 -4.53 -13.55
C ARG A 28 6.79 -3.55 -14.66
N ASP A 29 5.76 -3.01 -15.31
CA ASP A 29 5.95 -2.00 -16.34
C ASP A 29 5.34 -0.67 -15.89
N SER A 30 6.19 0.34 -15.74
CA SER A 30 5.75 1.65 -15.27
C SER A 30 4.86 2.35 -16.30
N GLY A 31 5.24 2.23 -17.57
CA GLY A 31 4.50 2.87 -18.65
C GLY A 31 3.34 2.06 -19.16
N GLN A 32 2.94 1.04 -18.41
CA GLN A 32 1.83 0.17 -18.78
C GLN A 32 0.53 0.96 -18.95
N ALA A 33 -0.12 0.76 -20.08
CA ALA A 33 -1.37 1.46 -20.38
C ALA A 33 -2.57 0.56 -20.14
N PHE A 34 -3.65 1.14 -19.63
CA PHE A 34 -4.85 0.37 -19.32
C PHE A 34 -6.06 0.80 -20.13
N SER A 35 -6.70 -0.17 -20.78
CA SER A 35 -7.93 0.07 -21.52
C SER A 35 -9.13 0.11 -20.58
N LEU A 36 -10.32 0.28 -21.15
CA LEU A 36 -11.54 0.25 -20.37
C LEU A 36 -11.98 -1.19 -20.20
N GLU A 37 -11.37 -2.06 -20.99
CA GLU A 37 -11.64 -3.49 -20.95
C GLU A 37 -11.00 -4.11 -19.71
N GLN A 38 -9.79 -3.67 -19.41
CA GLN A 38 -9.03 -4.16 -18.26
C GLN A 38 -9.53 -3.56 -16.96
N LEU A 39 -9.98 -2.30 -17.04
CA LEU A 39 -10.45 -1.58 -15.86
C LEU A 39 -11.87 -1.95 -15.49
N ARG A 40 -12.48 -2.80 -16.30
CA ARG A 40 -13.89 -3.17 -16.17
C ARG A 40 -14.34 -3.66 -14.78
N PRO A 41 -13.61 -4.62 -14.18
CA PRO A 41 -14.09 -5.10 -12.88
C PRO A 41 -13.99 -4.07 -11.77
N LEU A 42 -13.21 -3.01 -11.98
CA LEU A 42 -13.09 -1.94 -11.00
C LEU A 42 -14.13 -0.86 -11.22
N LEU A 43 -14.74 -0.87 -12.41
CA LEU A 43 -15.74 0.14 -12.77
C LEU A 43 -17.16 -0.34 -12.51
N ALA A 44 -17.40 -1.63 -12.75
CA ALA A 44 -18.74 -2.20 -12.63
C ALA A 44 -18.96 -2.94 -11.31
N SER A 45 -18.36 -2.43 -10.24
CA SER A 45 -18.55 -3.01 -8.91
C SER A 45 -19.55 -2.19 -8.09
N SER A 46 -20.47 -2.87 -7.43
CA SER A 46 -21.55 -2.20 -6.70
C SER A 46 -21.11 -1.50 -5.42
N LEU A 47 -19.81 -1.55 -5.14
CA LEU A 47 -19.25 -0.95 -3.93
C LEU A 47 -19.38 0.57 -3.90
N PRO A 48 -19.45 1.16 -2.69
CA PRO A 48 -19.44 2.62 -2.52
C PRO A 48 -18.02 3.15 -2.74
N LEU A 49 -17.86 4.47 -2.70
CA LEU A 49 -16.58 5.11 -3.01
C LEU A 49 -15.48 4.77 -2.00
N ALA A 50 -15.82 4.80 -0.72
CA ALA A 50 -14.85 4.54 0.34
C ALA A 50 -14.33 3.10 0.31
N ALA A 51 -15.09 2.21 -0.34
CA ALA A 51 -14.70 0.81 -0.45
C ALA A 51 -13.99 0.51 -1.77
N ARG A 52 -13.87 1.52 -2.62
CA ARG A 52 -13.21 1.36 -3.91
C ARG A 52 -11.93 2.18 -3.98
N TYR A 53 -11.90 3.27 -3.23
CA TYR A 53 -10.69 4.08 -3.11
C TYR A 53 -10.18 4.07 -1.68
N LEU A 54 -9.19 3.23 -1.42
CA LEU A 54 -8.70 3.00 -0.07
C LEU A 54 -7.63 4.00 0.35
N GLN A 55 -6.88 4.49 -0.63
CA GLN A 55 -5.82 5.45 -0.35
C GLN A 55 -6.27 6.84 -0.77
N LEU A 56 -6.88 6.91 -1.95
CA LEU A 56 -7.32 8.18 -2.51
C LEU A 56 -8.66 8.59 -1.91
N ASP A 57 -8.77 9.85 -1.51
CA ASP A 57 -10.04 10.39 -1.05
C ASP A 57 -10.79 10.99 -2.23
N ALA A 58 -11.34 10.11 -3.07
CA ALA A 58 -12.00 10.52 -4.31
C ALA A 58 -13.21 11.41 -4.05
N ALA A 59 -13.96 11.09 -2.99
CA ALA A 59 -15.15 11.83 -2.63
C ALA A 59 -14.82 13.30 -2.36
N ARG A 60 -13.80 13.54 -1.55
CA ARG A 60 -13.37 14.89 -1.23
C ARG A 60 -12.78 15.61 -2.45
N LEU A 61 -12.03 14.87 -3.26
CA LEU A 61 -11.42 15.43 -4.47
C LEU A 61 -12.48 15.93 -5.46
N VAL A 62 -13.59 15.22 -5.53
CA VAL A 62 -14.66 15.56 -6.46
C VAL A 62 -15.58 16.67 -5.94
N ARG A 63 -16.12 16.47 -4.74
CA ARG A 63 -17.12 17.40 -4.19
C ARG A 63 -16.56 18.74 -3.72
N CYS A 64 -15.27 18.80 -3.42
CA CYS A 64 -14.67 20.05 -2.95
C CYS A 64 -14.12 20.87 -4.11
N ASN A 65 -14.28 20.35 -5.33
CA ASN A 65 -13.90 21.07 -6.54
C ASN A 65 -15.11 21.18 -7.46
N ALA A 66 -16.25 20.68 -6.99
CA ALA A 66 -17.47 20.67 -7.78
C ALA A 66 -18.22 21.99 -7.72
N HIS A 67 -17.60 23.05 -8.22
CA HIS A 67 -18.26 24.35 -8.28
C HIS A 67 -18.27 24.89 -9.70
N GLY A 68 -19.46 25.21 -10.20
CA GLY A 68 -19.63 25.65 -11.57
C GLY A 68 -20.25 24.55 -12.42
N GLU A 69 -19.85 24.49 -13.69
CA GLU A 69 -20.37 23.47 -14.60
C GLU A 69 -19.49 22.23 -14.61
N PRO A 70 -20.11 21.04 -14.53
CA PRO A 70 -19.41 19.76 -14.56
C PRO A 70 -18.48 19.63 -15.76
N ARG A 71 -18.88 20.20 -16.89
CA ARG A 71 -18.06 20.18 -18.09
C ARG A 71 -16.75 20.95 -17.88
N ASN A 72 -16.72 21.80 -16.85
CA ASN A 72 -15.53 22.58 -16.57
C ASN A 72 -14.71 22.11 -15.37
N TYR A 73 -15.36 21.72 -14.28
CA TYR A 73 -14.59 21.29 -13.10
C TYR A 73 -14.08 19.85 -13.21
N LEU A 74 -14.79 19.01 -13.96
CA LEU A 74 -14.34 17.64 -14.18
C LEU A 74 -13.12 17.60 -15.09
N ASN A 75 -13.01 18.59 -15.96
CA ASN A 75 -11.86 18.67 -16.86
C ASN A 75 -10.64 19.25 -16.14
N THR A 76 -10.89 20.18 -15.22
CA THR A 76 -9.85 20.72 -14.37
C THR A 76 -9.35 19.63 -13.43
N LEU A 77 -10.28 18.78 -12.99
CA LEU A 77 -9.96 17.70 -12.07
C LEU A 77 -9.20 16.58 -12.78
N SER A 78 -9.66 16.21 -13.97
CA SER A 78 -9.00 15.19 -14.77
C SER A 78 -7.59 15.59 -15.18
N THR A 79 -7.40 16.88 -15.41
CA THR A 79 -6.10 17.41 -15.80
C THR A 79 -5.10 17.24 -14.66
N ALA A 80 -5.57 17.43 -13.44
CA ALA A 80 -4.74 17.26 -12.25
C ALA A 80 -4.42 15.79 -12.03
N LEU A 81 -5.42 14.94 -12.21
CA LEU A 81 -5.25 13.49 -12.05
C LEU A 81 -4.32 12.91 -13.11
N ASN A 82 -4.21 13.59 -14.24
CA ASN A 82 -3.31 13.12 -15.30
C ASN A 82 -1.85 13.37 -14.94
N ILE A 83 -1.62 14.45 -14.20
CA ILE A 83 -0.27 14.78 -13.75
C ILE A 83 0.11 13.94 -12.53
N LEU A 84 -0.84 13.74 -11.62
CA LEU A 84 -0.62 12.94 -10.43
C LEU A 84 -0.29 11.49 -10.78
N GLU A 85 -0.91 10.99 -11.84
CA GLU A 85 -0.63 9.64 -12.33
C GLU A 85 0.80 9.55 -12.85
N LYS A 86 1.28 10.64 -13.43
CA LYS A 86 2.64 10.69 -13.98
C LYS A 86 3.66 10.87 -12.87
N TYR A 87 3.26 11.53 -11.79
CA TYR A 87 4.10 11.63 -10.60
C TYR A 87 4.35 10.24 -10.04
N GLY A 88 3.35 9.38 -10.14
CA GLY A 88 3.45 8.00 -9.69
C GLY A 88 4.28 7.14 -10.61
N ARG A 89 4.00 7.21 -11.91
CA ARG A 89 4.70 6.43 -12.91
C ARG A 89 6.20 6.73 -12.94
N ASN A 90 6.57 7.95 -12.53
CA ASN A 90 7.97 8.34 -12.45
C ASN A 90 8.73 7.57 -11.38
N LEU A 91 8.10 7.44 -10.21
CA LEU A 91 8.70 6.75 -9.08
C LEU A 91 8.79 5.24 -9.33
N LEU A 92 8.00 4.76 -10.29
CA LEU A 92 7.96 3.34 -10.63
C LEU A 92 8.87 2.97 -11.80
N SER A 93 9.47 3.97 -12.44
CA SER A 93 10.33 3.72 -13.58
C SER A 93 11.61 3.04 -13.13
N PRO A 94 12.12 2.08 -13.93
CA PRO A 94 13.36 1.34 -13.67
C PRO A 94 14.47 2.28 -13.25
N GLN A 95 14.60 3.39 -13.97
CA GLN A 95 15.45 4.49 -13.55
C GLN A 95 14.56 5.68 -13.23
N ARG A 96 14.68 6.20 -12.02
CA ARG A 96 13.82 7.29 -11.59
C ARG A 96 14.45 8.63 -11.96
N PRO A 97 13.61 9.65 -12.21
CA PRO A 97 14.10 11.01 -12.46
C PRO A 97 14.97 11.51 -11.31
N ARG A 98 15.84 12.48 -11.60
CA ARG A 98 16.83 12.96 -10.64
C ARG A 98 16.23 13.51 -9.35
N TYR A 99 15.40 14.54 -9.49
CA TYR A 99 14.84 15.22 -8.32
C TYR A 99 13.50 14.63 -7.87
N TRP A 100 13.41 13.30 -7.88
CA TRP A 100 12.17 12.62 -7.54
C TRP A 100 11.65 12.87 -6.12
N ARG A 101 12.56 12.96 -5.16
CA ARG A 101 12.18 13.12 -3.75
C ARG A 101 11.70 14.54 -3.42
N GLY A 102 11.83 15.46 -4.36
CA GLY A 102 11.47 16.85 -4.10
C GLY A 102 10.39 17.40 -5.02
N VAL A 103 9.33 17.95 -4.43
CA VAL A 103 8.27 18.61 -5.19
C VAL A 103 8.06 20.03 -4.70
N LYS A 104 8.33 20.98 -5.57
CA LYS A 104 8.23 22.38 -5.18
C LYS A 104 6.87 22.95 -5.59
N PHE A 105 6.24 23.71 -4.71
CA PHE A 105 4.96 24.34 -5.01
C PHE A 105 5.06 25.34 -6.16
N ASN A 106 6.16 26.10 -6.19
CA ASN A 106 6.37 27.13 -7.20
C ASN A 106 6.65 26.57 -8.58
N ASN A 107 6.83 25.26 -8.65
CA ASN A 107 7.06 24.58 -9.93
C ASN A 107 5.90 24.81 -10.88
N PRO A 108 6.20 25.17 -12.14
CA PRO A 108 5.22 25.52 -13.16
C PRO A 108 4.11 24.48 -13.35
N VAL A 109 4.49 23.26 -13.74
CA VAL A 109 3.52 22.20 -14.00
C VAL A 109 2.62 21.89 -12.81
N PHE A 110 3.17 21.94 -11.61
CA PHE A 110 2.40 21.61 -10.41
C PHE A 110 1.35 22.65 -10.05
N ARG A 111 1.79 23.87 -9.82
CA ARG A 111 0.89 24.95 -9.41
C ARG A 111 -0.17 25.26 -10.46
N SER A 112 0.20 25.13 -11.73
CA SER A 112 -0.72 25.42 -12.82
C SER A 112 -1.79 24.32 -12.95
N THR A 113 -1.45 23.12 -12.52
CA THR A 113 -2.34 21.98 -12.68
C THR A 113 -2.87 21.44 -11.36
N VAL A 114 -2.00 20.81 -10.58
CA VAL A 114 -2.40 20.10 -9.37
C VAL A 114 -2.83 21.04 -8.25
N ASP A 115 -2.08 22.12 -8.05
CA ASP A 115 -2.35 23.06 -6.97
C ASP A 115 -3.53 24.00 -7.29
N ALA A 116 -4.21 23.72 -8.39
CA ALA A 116 -5.42 24.47 -8.74
C ALA A 116 -6.65 23.71 -8.24
N VAL A 117 -6.41 22.51 -7.72
CA VAL A 117 -7.47 21.63 -7.26
C VAL A 117 -7.37 21.38 -5.74
N GLN A 118 -8.50 21.48 -5.05
CA GLN A 118 -8.54 21.22 -3.62
C GLN A 118 -8.26 19.75 -3.31
N GLY A 119 -7.17 19.51 -2.58
CA GLY A 119 -6.80 18.15 -2.21
C GLY A 119 -5.78 17.53 -3.15
N GLY A 120 -5.15 18.35 -3.97
CA GLY A 120 -4.16 17.87 -4.92
C GLY A 120 -2.85 17.50 -4.26
N ARG A 121 -2.50 18.24 -3.21
CA ARG A 121 -1.27 18.00 -2.46
C ARG A 121 -1.34 16.71 -1.66
N ASP A 122 -2.50 16.44 -1.08
CA ASP A 122 -2.69 15.25 -0.24
C ASP A 122 -2.43 13.96 -0.99
N VAL A 123 -2.56 14.00 -2.32
CA VAL A 123 -2.29 12.83 -3.16
C VAL A 123 -0.79 12.55 -3.23
N LEU A 124 0.01 13.61 -3.19
CA LEU A 124 1.46 13.47 -3.20
C LEU A 124 1.95 12.88 -1.89
N ARG A 125 1.28 13.22 -0.80
CA ARG A 125 1.60 12.68 0.52
C ARG A 125 1.36 11.17 0.53
N LEU A 126 0.41 10.73 -0.27
CA LEU A 126 0.11 9.31 -0.42
C LEU A 126 1.25 8.59 -1.15
N TYR A 127 1.93 9.32 -2.02
CA TYR A 127 3.03 8.76 -2.79
C TYR A 127 4.27 8.53 -1.92
N GLY A 128 4.42 9.36 -0.88
CA GLY A 128 5.54 9.22 0.04
C GLY A 128 6.17 10.54 0.44
N TYR A 129 5.74 11.62 -0.20
CA TYR A 129 6.22 12.97 0.12
C TYR A 129 5.67 13.45 1.46
N THR A 130 6.12 12.85 2.55
CA THR A 130 5.54 13.14 3.86
C THR A 130 6.06 14.41 4.54
N GLU A 131 7.38 14.59 4.59
CA GLU A 131 7.91 15.78 5.25
C GLU A 131 7.64 17.05 4.47
N GLU A 132 7.22 18.08 5.18
CA GLU A 132 6.69 19.29 4.56
C GLU A 132 7.60 20.48 4.82
N LEU A 137 6.87 19.97 -0.54
CA LEU A 137 6.79 18.59 -0.06
C LEU A 137 8.01 17.79 -0.47
N SER A 138 8.37 16.80 0.34
CA SER A 138 9.53 15.96 0.05
C SER A 138 9.48 14.64 0.81
N PHE A 139 10.27 13.67 0.35
CA PHE A 139 10.43 12.41 1.06
C PHE A 139 11.28 12.65 2.29
N PRO A 140 11.04 11.88 3.36
CA PRO A 140 11.92 11.99 4.53
C PRO A 140 13.29 11.41 4.20
N GLU A 141 14.32 11.86 4.90
CA GLU A 141 15.69 11.40 4.64
C GLU A 141 15.83 9.90 4.90
N GLY A 142 15.13 9.42 5.93
CA GLY A 142 15.11 8.00 6.25
C GLY A 142 14.65 7.13 5.09
N GLN A 143 13.78 7.71 4.26
CA GLN A 143 13.28 7.03 3.07
C GLN A 143 14.26 7.24 1.91
N GLU A 144 15.02 6.19 1.60
CA GLU A 144 16.04 6.27 0.56
C GLU A 144 15.46 5.90 -0.80
N GLU A 145 14.35 5.18 -0.79
CA GLU A 145 13.71 4.73 -2.02
C GLU A 145 12.21 4.53 -1.79
N PRO A 146 11.39 4.82 -2.81
CA PRO A 146 9.92 4.80 -2.67
C PRO A 146 9.35 3.39 -2.51
N ASP A 147 8.23 3.31 -1.80
CA ASP A 147 7.51 2.06 -1.63
C ASP A 147 6.86 1.69 -2.96
N GLU A 148 7.33 0.61 -3.56
CA GLU A 148 6.89 0.23 -4.90
C GLU A 148 5.42 -0.21 -4.93
N HIS A 149 4.96 -0.81 -3.83
CA HIS A 149 3.60 -1.32 -3.76
C HIS A 149 2.58 -0.19 -3.55
N GLN A 150 2.89 0.73 -2.64
CA GLN A 150 1.99 1.83 -2.32
C GLN A 150 1.78 2.77 -3.51
N VAL A 151 2.89 3.26 -4.06
CA VAL A 151 2.86 4.14 -5.23
C VAL A 151 2.01 3.57 -6.36
N ALA A 152 2.26 2.31 -6.72
CA ALA A 152 1.52 1.65 -7.79
C ALA A 152 0.03 1.55 -7.46
N THR A 153 -0.28 1.51 -6.17
CA THR A 153 -1.66 1.42 -5.70
C THR A 153 -2.36 2.77 -5.80
N VAL A 154 -1.65 3.82 -5.40
CA VAL A 154 -2.17 5.18 -5.51
C VAL A 154 -2.29 5.58 -6.99
N THR A 155 -1.26 5.25 -7.75
CA THR A 155 -1.23 5.54 -9.18
C THR A 155 -2.40 4.89 -9.90
N LEU A 156 -2.73 3.67 -9.49
CA LEU A 156 -3.84 2.93 -10.08
C LEU A 156 -5.16 3.61 -9.74
N GLU A 157 -5.30 4.03 -8.49
CA GLU A 157 -6.53 4.70 -8.04
C GLU A 157 -6.70 6.05 -8.70
N VAL A 158 -5.59 6.75 -8.88
CA VAL A 158 -5.59 8.03 -9.58
C VAL A 158 -6.02 7.83 -11.04
N LEU A 159 -5.42 6.84 -11.68
CA LEU A 159 -5.78 6.47 -13.05
C LEU A 159 -7.25 6.07 -13.13
N LEU A 160 -7.70 5.32 -12.12
CA LEU A 160 -9.07 4.84 -12.07
C LEU A 160 -10.06 5.98 -11.94
N LEU A 161 -9.70 6.99 -11.15
CA LEU A 161 -10.57 8.13 -10.92
C LEU A 161 -10.68 9.00 -12.17
N ARG A 162 -9.54 9.21 -12.84
CA ARG A 162 -9.52 9.96 -14.09
C ARG A 162 -10.38 9.27 -15.13
N THR A 163 -10.34 7.93 -15.12
CA THR A 163 -11.13 7.13 -16.05
C THR A 163 -12.63 7.30 -15.79
N GLU A 164 -13.02 7.28 -14.51
CA GLU A 164 -14.42 7.39 -14.13
C GLU A 164 -15.00 8.75 -14.48
N LEU A 165 -14.18 9.79 -14.31
CA LEU A 165 -14.59 11.15 -14.62
C LEU A 165 -14.75 11.38 -16.12
N SER A 166 -13.89 10.76 -16.91
CA SER A 166 -13.97 10.88 -18.36
C SER A 166 -15.20 10.17 -18.91
N LEU A 167 -15.61 9.09 -18.24
CA LEU A 167 -16.81 8.35 -18.62
C LEU A 167 -18.05 9.10 -18.13
N LEU A 168 -17.83 10.02 -17.19
CA LEU A 168 -18.89 10.86 -16.68
C LEU A 168 -19.13 12.02 -17.64
N LEU A 169 -18.03 12.62 -18.10
CA LEU A 169 -18.07 13.72 -19.05
C LEU A 169 -18.72 13.32 -20.37
N GLN A 170 -18.54 12.07 -20.77
CA GLN A 170 -19.08 11.58 -22.03
C GLN A 170 -20.31 10.72 -21.79
N ASN A 171 -20.78 10.73 -20.54
CA ASN A 171 -22.02 10.08 -20.14
C ASN A 171 -22.10 8.61 -20.56
N THR A 172 -21.13 7.81 -20.13
CA THR A 172 -21.10 6.39 -20.46
C THR A 172 -20.79 5.51 -19.25
N HIS A 173 -20.46 6.15 -18.13
CA HIS A 173 -20.19 5.46 -16.86
C HIS A 173 -21.30 4.47 -16.52
N PRO A 174 -20.91 3.22 -16.18
CA PRO A 174 -21.88 2.15 -15.90
C PRO A 174 -22.77 2.44 -14.70
N ARG A 175 -22.31 3.33 -13.82
CA ARG A 175 -23.12 3.81 -12.72
C ARG A 175 -23.13 5.33 -12.72
N GLN A 176 -23.60 5.89 -13.83
CA GLN A 176 -23.70 7.33 -14.01
C GLN A 176 -24.81 7.88 -13.12
N GLN A 177 -25.83 7.07 -12.91
CA GLN A 177 -27.00 7.48 -12.14
C GLN A 177 -26.80 7.26 -10.63
N ALA A 178 -25.55 7.35 -10.18
CA ALA A 178 -25.25 7.27 -8.76
C ALA A 178 -24.11 8.22 -8.39
N LEU A 179 -23.19 8.40 -9.34
CA LEU A 179 -22.02 9.25 -9.14
C LEU A 179 -22.37 10.73 -9.27
N GLU A 180 -23.47 11.00 -9.96
CA GLU A 180 -23.93 12.38 -10.18
C GLU A 180 -24.51 12.97 -8.89
N GLN A 181 -24.50 12.17 -7.83
CA GLN A 181 -24.91 12.61 -6.50
C GLN A 181 -23.70 13.18 -5.77
N LEU A 182 -22.74 13.71 -6.53
CA LEU A 182 -21.54 14.32 -5.99
C LEU A 182 -21.15 15.55 -6.80
N ASP B 3 10.93 20.21 -14.78
CA ASP B 3 9.55 20.17 -15.25
C ASP B 3 8.57 19.94 -14.11
N MET B 4 8.51 18.70 -13.62
CA MET B 4 7.51 18.32 -12.64
C MET B 4 8.04 18.34 -11.22
N TYR B 5 9.31 18.70 -11.05
CA TYR B 5 9.97 18.66 -9.75
C TYR B 5 10.65 19.98 -9.40
N ARG B 6 11.03 20.74 -10.43
CA ARG B 6 11.67 22.03 -10.25
C ARG B 6 10.78 23.02 -9.51
N GLU C 10 -1.78 -16.80 -14.16
CA GLU C 10 -2.02 -18.24 -14.12
C GLU C 10 -2.36 -18.73 -12.72
N GLU C 11 -1.33 -18.86 -11.88
CA GLU C 11 -1.49 -19.31 -10.50
C GLU C 11 -1.44 -18.10 -9.58
N GLU C 12 -1.01 -16.97 -10.13
CA GLU C 12 -0.88 -15.74 -9.36
C GLU C 12 -2.22 -15.23 -8.84
N ARG C 13 -3.28 -15.40 -9.62
CA ARG C 13 -4.59 -14.94 -9.18
C ARG C 13 -5.10 -15.78 -8.04
N ALA C 14 -4.95 -17.10 -8.16
CA ALA C 14 -5.36 -18.02 -7.11
C ALA C 14 -4.63 -17.72 -5.82
N PHE C 15 -3.37 -17.30 -5.95
CA PHE C 15 -2.58 -16.88 -4.79
C PHE C 15 -3.18 -15.60 -4.22
N LEU C 16 -3.41 -14.62 -5.09
CA LEU C 16 -3.98 -13.34 -4.67
C LEU C 16 -5.40 -13.50 -4.11
N VAL C 17 -6.17 -14.40 -4.71
CA VAL C 17 -7.52 -14.70 -4.23
C VAL C 17 -7.47 -15.22 -2.80
N ALA C 18 -6.63 -16.22 -2.56
CA ALA C 18 -6.45 -16.80 -1.24
C ALA C 18 -5.87 -15.76 -0.28
N ARG C 19 -4.88 -15.00 -0.78
CA ARG C 19 -4.25 -13.93 -0.02
C ARG C 19 -5.28 -12.92 0.50
N GLU C 20 -6.21 -12.54 -0.35
CA GLU C 20 -7.25 -11.59 0.03
C GLU C 20 -8.29 -12.22 0.96
N GLU C 21 -8.56 -13.50 0.76
CA GLU C 21 -9.54 -14.22 1.57
C GLU C 21 -9.10 -14.27 3.03
N LEU C 22 -7.80 -14.32 3.24
CA LEU C 22 -7.25 -14.40 4.59
C LEU C 22 -7.07 -13.00 5.21
N ALA C 23 -6.80 -12.03 4.36
CA ALA C 23 -6.67 -10.63 4.80
C ALA C 23 -7.99 -10.09 5.32
N SER C 24 -9.09 -10.48 4.66
CA SER C 24 -10.42 -10.08 5.08
C SER C 24 -10.74 -10.62 6.46
N ALA C 25 -10.31 -11.85 6.73
CA ALA C 25 -10.50 -12.47 8.03
C ALA C 25 -9.81 -11.65 9.13
N LEU C 26 -8.64 -11.11 8.81
CA LEU C 26 -7.91 -10.27 9.76
C LEU C 26 -8.63 -8.96 9.96
N ARG C 27 -9.30 -8.49 8.91
CA ARG C 27 -10.05 -7.24 8.94
C ARG C 27 -11.34 -7.37 9.75
N ARG C 28 -11.95 -8.56 9.71
CA ARG C 28 -13.13 -8.83 10.52
C ARG C 28 -12.77 -8.99 11.99
N ASP C 29 -11.94 -9.99 12.29
CA ASP C 29 -11.42 -10.16 13.65
C ASP C 29 -9.90 -10.04 13.65
N SER C 30 -9.40 -9.06 14.38
CA SER C 30 -7.96 -8.76 14.40
C SER C 30 -7.12 -9.88 15.00
N GLY C 31 -7.64 -10.50 16.06
CA GLY C 31 -6.90 -11.54 16.75
C GLY C 31 -7.06 -12.92 16.12
N GLN C 32 -7.58 -12.96 14.89
CA GLN C 32 -7.80 -14.22 14.19
C GLN C 32 -6.51 -15.02 14.00
N ALA C 33 -6.55 -16.29 14.37
CA ALA C 33 -5.40 -17.17 14.23
C ALA C 33 -5.58 -18.05 13.00
N PHE C 34 -4.47 -18.32 12.32
CA PHE C 34 -4.52 -19.08 11.08
C PHE C 34 -3.78 -20.40 11.20
N SER C 35 -4.42 -21.49 10.79
CA SER C 35 -3.79 -22.79 10.80
C SER C 35 -2.83 -22.94 9.62
N LEU C 36 -2.18 -24.09 9.51
CA LEU C 36 -1.27 -24.35 8.40
C LEU C 36 -2.05 -24.89 7.20
N GLU C 37 -3.28 -25.30 7.46
CA GLU C 37 -4.16 -25.79 6.40
C GLU C 37 -4.68 -24.60 5.61
N GLN C 38 -4.98 -23.52 6.32
CA GLN C 38 -5.48 -22.30 5.70
C GLN C 38 -4.35 -21.57 4.99
N LEU C 39 -3.15 -21.65 5.55
CA LEU C 39 -1.98 -20.95 4.99
C LEU C 39 -1.34 -21.72 3.86
N ARG C 40 -1.84 -22.93 3.60
CA ARG C 40 -1.24 -23.84 2.63
C ARG C 40 -1.04 -23.30 1.19
N PRO C 41 -2.09 -22.67 0.61
CA PRO C 41 -1.92 -22.24 -0.79
C PRO C 41 -0.89 -21.11 -0.94
N LEU C 42 -0.54 -20.46 0.15
CA LEU C 42 0.47 -19.42 0.12
C LEU C 42 1.85 -20.02 0.36
N LEU C 43 1.87 -21.24 0.89
CA LEU C 43 3.11 -21.92 1.23
C LEU C 43 3.60 -22.86 0.13
N ALA C 44 2.65 -23.55 -0.51
CA ALA C 44 2.99 -24.54 -1.51
C ALA C 44 2.86 -24.01 -2.94
N SER C 45 3.18 -22.72 -3.11
CA SER C 45 3.17 -22.11 -4.44
C SER C 45 4.59 -21.96 -4.98
N SER C 46 4.77 -22.32 -6.24
CA SER C 46 6.10 -22.31 -6.87
C SER C 46 6.57 -20.89 -7.18
N LEU C 47 5.76 -19.90 -6.82
CA LEU C 47 6.08 -18.50 -7.09
C LEU C 47 7.31 -18.07 -6.32
N PRO C 48 8.07 -17.10 -6.87
CA PRO C 48 9.22 -16.53 -6.17
C PRO C 48 8.80 -15.59 -5.05
N LEU C 49 9.77 -15.11 -4.28
CA LEU C 49 9.47 -14.27 -3.12
C LEU C 49 8.86 -12.93 -3.48
N ALA C 50 9.39 -12.31 -4.53
CA ALA C 50 8.90 -11.01 -4.98
C ALA C 50 7.45 -11.09 -5.47
N ALA C 51 7.02 -12.29 -5.83
CA ALA C 51 5.65 -12.51 -6.31
C ALA C 51 4.74 -13.02 -5.20
N ARG C 52 5.31 -13.28 -4.02
CA ARG C 52 4.53 -13.76 -2.89
C ARG C 52 4.49 -12.74 -1.76
N TYR C 53 5.52 -11.91 -1.69
CA TYR C 53 5.56 -10.83 -0.71
C TYR C 53 5.57 -9.49 -1.45
N LEU C 54 4.40 -8.85 -1.50
CA LEU C 54 4.22 -7.67 -2.33
C LEU C 54 4.60 -6.39 -1.60
N GLN C 55 4.43 -6.38 -0.29
CA GLN C 55 4.74 -5.21 0.52
C GLN C 55 6.03 -5.43 1.30
N LEU C 56 6.17 -6.64 1.86
CA LEU C 56 7.30 -6.98 2.70
C LEU C 56 8.52 -7.36 1.86
N ASP C 57 9.67 -6.84 2.22
CA ASP C 57 10.93 -7.22 1.57
C ASP C 57 11.49 -8.45 2.28
N ALA C 58 10.88 -9.59 2.01
CA ALA C 58 11.21 -10.83 2.70
C ALA C 58 12.65 -11.29 2.48
N ALA C 59 13.14 -11.14 1.26
CA ALA C 59 14.50 -11.56 0.92
C ALA C 59 15.54 -10.83 1.76
N ARG C 60 15.44 -9.51 1.81
CA ARG C 60 16.37 -8.70 2.59
C ARG C 60 16.21 -8.93 4.09
N LEU C 61 14.97 -9.07 4.54
CA LEU C 61 14.72 -9.32 5.96
C LEU C 61 15.40 -10.60 6.42
N VAL C 62 15.42 -11.60 5.54
CA VAL C 62 16.04 -12.88 5.84
C VAL C 62 17.55 -12.88 5.57
N ARG C 63 17.93 -12.52 4.35
CA ARG C 63 19.32 -12.61 3.91
C ARG C 63 20.26 -11.54 4.45
N CYS C 64 19.72 -10.38 4.84
CA CYS C 64 20.55 -9.30 5.36
C CYS C 64 20.65 -9.35 6.88
N ASN C 65 20.03 -10.37 7.47
CA ASN C 65 20.13 -10.62 8.90
C ASN C 65 20.67 -12.03 9.14
N ALA C 66 21.05 -12.69 8.05
CA ALA C 66 21.56 -14.06 8.13
C ALA C 66 23.03 -14.11 8.51
N HIS C 67 23.36 -13.58 9.68
CA HIS C 67 24.71 -13.65 10.20
C HIS C 67 24.76 -14.21 11.63
N ARG C 71 20.35 -20.46 11.92
CA ARG C 71 19.48 -21.20 12.83
C ARG C 71 19.29 -20.43 14.14
N ASN C 72 20.19 -19.48 14.39
CA ASN C 72 20.11 -18.63 15.57
C ASN C 72 19.61 -17.24 15.21
N TYR C 73 20.00 -16.78 14.03
CA TYR C 73 19.59 -15.47 13.52
C TYR C 73 18.13 -15.47 13.08
N LEU C 74 17.63 -16.65 12.74
CA LEU C 74 16.22 -16.82 12.39
C LEU C 74 15.34 -16.66 13.61
N ASN C 75 15.91 -16.93 14.79
CA ASN C 75 15.17 -16.77 16.04
C ASN C 75 15.10 -15.31 16.48
N THR C 76 16.16 -14.57 16.18
CA THR C 76 16.16 -13.12 16.40
C THR C 76 15.18 -12.49 15.41
N LEU C 77 15.10 -13.08 14.22
CA LEU C 77 14.20 -12.61 13.18
C LEU C 77 12.76 -12.97 13.52
N SER C 78 12.55 -14.21 13.96
CA SER C 78 11.21 -14.66 14.33
C SER C 78 10.68 -13.87 15.50
N THR C 79 11.57 -13.47 16.40
CA THR C 79 11.21 -12.68 17.58
C THR C 79 10.74 -11.29 17.14
N ALA C 80 11.40 -10.77 16.11
CA ALA C 80 11.04 -9.48 15.52
C ALA C 80 9.74 -9.58 14.74
N LEU C 81 9.62 -10.63 13.94
CA LEU C 81 8.41 -10.85 13.13
C LEU C 81 7.18 -11.12 14.00
N ASN C 82 7.41 -11.64 15.20
CA ASN C 82 6.30 -11.90 16.11
C ASN C 82 5.78 -10.61 16.73
N ILE C 83 6.69 -9.66 16.93
CA ILE C 83 6.35 -8.36 17.48
C ILE C 83 5.73 -7.46 16.42
N LEU C 84 6.28 -7.52 15.20
CA LEU C 84 5.74 -6.76 14.08
C LEU C 84 4.31 -7.17 13.78
N GLU C 85 4.02 -8.45 13.96
CA GLU C 85 2.67 -8.96 13.78
C GLU C 85 1.76 -8.38 14.85
N LYS C 86 2.30 -8.13 16.04
CA LYS C 86 1.53 -7.56 17.14
C LYS C 86 1.32 -6.06 16.93
N TYR C 87 2.29 -5.40 16.31
CA TYR C 87 2.15 -4.00 15.93
C TYR C 87 1.04 -3.83 14.90
N GLY C 88 0.91 -4.82 14.03
CA GLY C 88 -0.14 -4.81 13.01
C GLY C 88 -1.50 -5.12 13.58
N ARG C 89 -1.58 -6.20 14.35
CA ARG C 89 -2.84 -6.62 14.96
C ARG C 89 -3.42 -5.56 15.88
N ASN C 90 -2.54 -4.73 16.45
CA ASN C 90 -2.98 -3.63 17.29
C ASN C 90 -3.74 -2.58 16.49
N LEU C 91 -3.19 -2.26 15.32
CA LEU C 91 -3.81 -1.26 14.44
C LEU C 91 -5.09 -1.79 13.83
N LEU C 92 -5.26 -3.11 13.86
CA LEU C 92 -6.47 -3.73 13.32
C LEU C 92 -7.48 -3.98 14.44
N SER C 93 -7.02 -3.82 15.68
CA SER C 93 -7.87 -4.05 16.85
C SER C 93 -8.86 -2.91 17.07
N PRO C 94 -10.10 -3.28 17.45
CA PRO C 94 -11.17 -2.35 17.80
C PRO C 94 -10.72 -1.26 18.78
N GLN C 95 -9.94 -1.65 19.78
CA GLN C 95 -9.36 -0.70 20.71
C GLN C 95 -7.84 -0.62 20.53
N ARG C 96 -7.35 0.57 20.20
CA ARG C 96 -5.93 0.79 19.97
C ARG C 96 -5.25 1.28 21.24
N PRO C 97 -3.95 0.96 21.39
CA PRO C 97 -3.14 1.47 22.49
C PRO C 97 -3.15 3.00 22.57
N ARG C 98 -2.86 3.55 23.74
CA ARG C 98 -2.95 4.99 23.97
C ARG C 98 -2.00 5.75 23.05
N TYR C 99 -0.73 5.40 23.08
CA TYR C 99 0.28 6.04 22.24
C TYR C 99 0.41 5.32 20.89
N TRP C 100 -0.72 4.99 20.27
CA TRP C 100 -0.72 4.16 19.07
C TRP C 100 0.02 4.79 17.87
N ARG C 101 -0.18 6.09 17.66
CA ARG C 101 0.45 6.75 16.53
C ARG C 101 1.89 7.14 16.78
N GLY C 102 2.36 6.96 18.00
CA GLY C 102 3.70 7.37 18.34
C GLY C 102 4.60 6.24 18.83
N VAL C 103 5.72 6.07 18.14
CA VAL C 103 6.72 5.10 18.55
C VAL C 103 8.10 5.72 18.67
N LYS C 104 8.67 5.69 19.87
CA LYS C 104 10.04 6.18 20.08
C LYS C 104 11.02 5.03 19.91
N PHE C 105 12.15 5.34 19.26
CA PHE C 105 13.16 4.34 18.95
C PHE C 105 13.63 3.64 20.21
N ASN C 106 13.79 4.41 21.28
CA ASN C 106 14.29 3.89 22.55
C ASN C 106 13.32 3.03 23.36
N ASN C 107 12.10 2.85 22.85
CA ASN C 107 11.09 2.04 23.51
C ASN C 107 11.60 0.63 23.79
N PRO C 108 11.39 0.13 25.02
CA PRO C 108 11.93 -1.15 25.50
C PRO C 108 11.67 -2.33 24.56
N VAL C 109 10.41 -2.68 24.34
CA VAL C 109 10.08 -3.81 23.46
C VAL C 109 10.62 -3.62 22.05
N PHE C 110 10.56 -2.39 21.55
CA PHE C 110 11.01 -2.08 20.19
C PHE C 110 12.53 -2.16 20.06
N ARG C 111 13.23 -1.40 20.90
CA ARG C 111 14.68 -1.31 20.87
C ARG C 111 15.34 -2.66 21.10
N SER C 112 14.75 -3.47 21.98
CA SER C 112 15.28 -4.78 22.30
C SER C 112 15.00 -5.84 21.24
N THR C 113 13.92 -5.66 20.48
CA THR C 113 13.49 -6.68 19.53
C THR C 113 13.59 -6.26 18.07
N VAL C 114 12.71 -5.34 17.66
CA VAL C 114 12.56 -4.99 16.25
C VAL C 114 13.76 -4.24 15.70
N ASP C 115 14.30 -3.31 16.47
CA ASP C 115 15.43 -2.50 16.02
C ASP C 115 16.75 -3.26 16.09
N ALA C 116 16.67 -4.56 16.39
CA ALA C 116 17.83 -5.42 16.40
C ALA C 116 17.95 -6.14 15.06
N VAL C 117 16.94 -5.96 14.22
CA VAL C 117 16.89 -6.61 12.91
C VAL C 117 16.95 -5.57 11.79
N GLN C 118 17.79 -5.83 10.80
CA GLN C 118 17.93 -4.94 9.66
C GLN C 118 16.65 -4.90 8.83
N GLY C 119 16.04 -3.73 8.75
CA GLY C 119 14.80 -3.55 7.99
C GLY C 119 13.59 -3.65 8.88
N GLY C 120 13.80 -3.55 10.20
CA GLY C 120 12.72 -3.64 11.15
C GLY C 120 11.84 -2.40 11.16
N ARG C 121 12.46 -1.24 10.95
CA ARG C 121 11.73 0.02 10.90
C ARG C 121 10.88 0.11 9.64
N ASP C 122 11.45 -0.32 8.53
CA ASP C 122 10.78 -0.24 7.23
C ASP C 122 9.46 -0.99 7.20
N VAL C 123 9.31 -1.98 8.07
CA VAL C 123 8.07 -2.74 8.17
C VAL C 123 7.00 -1.88 8.84
N LEU C 124 7.43 -1.04 9.79
CA LEU C 124 6.53 -0.13 10.48
C LEU C 124 6.07 0.98 9.54
N ARG C 125 6.95 1.42 8.64
CA ARG C 125 6.60 2.41 7.64
C ARG C 125 5.51 1.85 6.72
N LEU C 126 5.52 0.54 6.53
CA LEU C 126 4.50 -0.13 5.73
C LEU C 126 3.16 -0.09 6.47
N TYR C 127 3.22 -0.08 7.80
CA TYR C 127 2.01 -0.03 8.62
C TYR C 127 1.37 1.36 8.58
N GLY C 128 2.20 2.37 8.40
CA GLY C 128 1.71 3.74 8.33
C GLY C 128 2.57 4.74 9.09
N TYR C 129 3.52 4.23 9.88
CA TYR C 129 4.43 5.09 10.64
C TYR C 129 5.43 5.75 9.71
N THR C 130 4.95 6.69 8.89
CA THR C 130 5.75 7.32 7.86
C THR C 130 6.65 8.45 8.36
N GLU C 131 6.08 9.32 9.19
CA GLU C 131 6.78 10.51 9.65
C GLU C 131 7.95 10.20 10.57
N GLU C 132 9.08 10.86 10.31
CA GLU C 132 10.34 10.52 10.96
C GLU C 132 10.82 11.67 11.84
N GLN C 133 10.95 11.40 13.15
CA GLN C 133 11.40 12.42 14.09
C GLN C 133 12.56 11.92 14.93
N GLY C 136 12.11 9.49 16.91
CA GLY C 136 11.20 8.37 16.79
C GLY C 136 10.35 8.44 15.53
N LEU C 137 9.47 7.45 15.36
CA LEU C 137 8.57 7.41 14.23
C LEU C 137 7.14 7.70 14.68
N SER C 138 6.34 8.26 13.78
CA SER C 138 4.95 8.59 14.12
C SER C 138 4.07 8.75 12.89
N PHE C 139 2.76 8.65 13.11
CA PHE C 139 1.78 8.94 12.06
C PHE C 139 1.67 10.46 11.84
N PRO C 140 1.43 10.87 10.60
CA PRO C 140 1.15 12.28 10.28
C PRO C 140 -0.26 12.66 10.74
N GLU C 141 -0.51 13.95 10.97
CA GLU C 141 -1.83 14.40 11.39
C GLU C 141 -2.87 14.10 10.32
N GLY C 142 -2.46 14.22 9.07
CA GLY C 142 -3.34 13.95 7.94
C GLY C 142 -3.94 12.56 7.99
N GLN C 143 -3.18 11.61 8.53
CA GLN C 143 -3.71 10.28 8.74
C GLN C 143 -4.42 10.21 10.09
N GLU C 144 -5.74 10.26 10.05
CA GLU C 144 -6.54 10.23 11.28
C GLU C 144 -6.87 8.80 11.66
N GLU C 145 -6.76 7.90 10.67
CA GLU C 145 -7.08 6.50 10.88
C GLU C 145 -6.26 5.64 9.92
N PRO C 146 -5.79 4.47 10.40
CA PRO C 146 -4.95 3.62 9.56
C PRO C 146 -5.77 2.94 8.47
N ASP C 147 -5.16 2.67 7.33
CA ASP C 147 -5.83 1.96 6.25
C ASP C 147 -5.99 0.50 6.69
N GLU C 148 -7.24 0.08 6.86
CA GLU C 148 -7.53 -1.25 7.38
C GLU C 148 -7.10 -2.33 6.40
N HIS C 149 -7.10 -2.00 5.12
CA HIS C 149 -6.69 -2.95 4.09
C HIS C 149 -5.17 -3.14 4.06
N GLN C 150 -4.44 -2.03 4.14
CA GLN C 150 -2.98 -2.07 4.07
C GLN C 150 -2.36 -2.82 5.23
N VAL C 151 -2.70 -2.40 6.46
CA VAL C 151 -2.21 -3.04 7.67
C VAL C 151 -2.44 -4.55 7.66
N ALA C 152 -3.66 -4.96 7.31
CA ALA C 152 -4.03 -6.37 7.28
C ALA C 152 -3.21 -7.18 6.28
N THR C 153 -2.77 -6.54 5.20
CA THR C 153 -1.96 -7.21 4.19
C THR C 153 -0.52 -7.33 4.65
N VAL C 154 -0.01 -6.27 5.28
CA VAL C 154 1.34 -6.28 5.83
C VAL C 154 1.40 -7.26 7.01
N THR C 155 0.39 -7.21 7.86
CA THR C 155 0.30 -8.09 9.02
C THR C 155 0.30 -9.56 8.58
N LEU C 156 -0.43 -9.84 7.51
CA LEU C 156 -0.52 -11.19 6.98
C LEU C 156 0.83 -11.65 6.44
N GLU C 157 1.51 -10.75 5.72
CA GLU C 157 2.81 -11.06 5.13
C GLU C 157 3.86 -11.26 6.23
N VAL C 158 3.77 -10.45 7.28
CA VAL C 158 4.64 -10.59 8.44
C VAL C 158 4.39 -11.93 9.11
N LEU C 159 3.11 -12.24 9.33
CA LEU C 159 2.70 -13.52 9.89
C LEU C 159 3.15 -14.68 9.02
N LEU C 160 3.00 -14.51 7.71
CA LEU C 160 3.34 -15.57 6.75
C LEU C 160 4.84 -15.86 6.75
N LEU C 161 5.65 -14.81 6.86
CA LEU C 161 7.10 -14.96 6.85
C LEU C 161 7.58 -15.64 8.13
N ARG C 162 6.99 -15.26 9.25
CA ARG C 162 7.31 -15.88 10.54
C ARG C 162 7.01 -17.37 10.48
N THR C 163 5.90 -17.70 9.85
CA THR C 163 5.47 -19.10 9.71
C THR C 163 6.43 -19.90 8.83
N GLU C 164 6.84 -19.31 7.71
CA GLU C 164 7.72 -19.98 6.76
C GLU C 164 9.08 -20.28 7.37
N LEU C 165 9.58 -19.36 8.19
CA LEU C 165 10.87 -19.54 8.84
C LEU C 165 10.82 -20.66 9.87
N SER C 166 9.70 -20.76 10.58
CA SER C 166 9.53 -21.78 11.60
C SER C 166 9.41 -23.18 10.97
N LEU C 167 8.87 -23.25 9.76
CA LEU C 167 8.74 -24.52 9.07
C LEU C 167 10.05 -24.97 8.45
N LEU C 168 10.99 -24.02 8.32
CA LEU C 168 12.33 -24.32 7.84
C LEU C 168 13.17 -24.89 8.98
N LEU C 169 13.05 -24.25 10.15
CA LEU C 169 13.76 -24.68 11.34
C LEU C 169 13.38 -26.09 11.76
N GLN C 170 12.13 -26.48 11.52
CA GLN C 170 11.66 -27.81 11.91
C GLN C 170 11.52 -28.77 10.73
N ASN C 171 12.01 -28.34 9.57
CA ASN C 171 12.10 -29.19 8.38
C ASN C 171 10.80 -29.89 7.98
N THR C 172 9.75 -29.11 7.76
CA THR C 172 8.47 -29.67 7.33
C THR C 172 7.89 -28.87 6.17
N HIS C 173 8.53 -27.76 5.84
CA HIS C 173 8.17 -26.92 4.72
C HIS C 173 8.06 -27.73 3.43
N PRO C 174 6.94 -27.58 2.72
CA PRO C 174 6.67 -28.39 1.52
C PRO C 174 7.68 -28.13 0.40
N ARG C 175 8.30 -26.97 0.43
CA ARG C 175 9.36 -26.64 -0.51
C ARG C 175 10.60 -26.14 0.23
N GLN C 176 11.14 -27.01 1.08
CA GLN C 176 12.32 -26.68 1.88
C GLN C 176 13.56 -26.61 1.01
N GLN C 177 13.59 -27.43 -0.04
CA GLN C 177 14.72 -27.48 -0.97
C GLN C 177 14.58 -26.45 -2.08
N ALA C 178 13.99 -25.32 -1.74
CA ALA C 178 13.90 -24.19 -2.66
C ALA C 178 14.10 -22.90 -1.87
N LEU C 179 13.66 -22.91 -0.62
CA LEU C 179 13.78 -21.72 0.23
C LEU C 179 15.17 -21.56 0.83
N GLU C 180 15.86 -22.68 1.06
CA GLU C 180 17.23 -22.61 1.60
C GLU C 180 18.26 -22.30 0.52
N GLN C 181 17.82 -22.19 -0.72
CA GLN C 181 18.74 -21.84 -1.80
C GLN C 181 18.82 -20.33 -2.02
N LEU C 182 18.47 -19.57 -0.99
CA LEU C 182 18.66 -18.12 -1.00
C LEU C 182 18.93 -17.62 0.41
N ASP D 3 3.56 -0.46 26.85
CA ASP D 3 4.40 -1.59 26.45
C ASP D 3 5.29 -1.26 25.27
N MET D 4 4.69 -1.18 24.09
CA MET D 4 5.43 -1.12 22.83
C MET D 4 5.59 0.29 22.25
N TYR D 5 5.15 1.32 22.97
CA TYR D 5 5.10 2.65 22.38
C TYR D 5 5.83 3.74 23.17
N ARG D 6 5.91 3.58 24.49
CA ARG D 6 6.58 4.55 25.33
C ARG D 6 8.05 4.69 24.97
#